data_7YZN
#
_entry.id   7YZN
#
_cell.length_a   72.260
_cell.length_b   72.260
_cell.length_c   205.820
_cell.angle_alpha   90.000
_cell.angle_beta   90.000
_cell.angle_gamma   90.000
#
_symmetry.space_group_name_H-M   'P 41 21 2'
#
loop_
_entity.id
_entity.type
_entity.pdbx_description
1 polymer 'Probable translation initiation factor IF-2'
2 non-polymer 'MAGNESIUM ION'
3 non-polymer "GUANOSINE-5'-TRIPHOSPHATE"
4 non-polymer 'SODIUM ION'
5 water water
#
_entity_poly.entity_id   1
_entity_poly.type   'polypeptide(L)'
_entity_poly.pdbx_seq_one_letter_code
;GSSHHHHHHSSGLVPRGSHMTKRIRQPIIAVLGHVDHGKTTLLDRIRKTNVAAKEAGGITQHIGATEVPIEVVKKIAGPL
IKLWKAEIKLPGLLFIDTPGHEAFTSLRARGGSLADLAVLVVDINEGFQPQTIESIEILRKYRTPFVVAANKIDRIKGWV
IEEDEPFLMNIKKQDQRAVQELETKLWELIGKFYEFGFQANRFDRVQNFTRELAIVPISAKYGIGIAELLVLIAGLSQRY
LEEKLKIEVEGPARGTILEVREEPGLGHTIDVIIYDGTLHKDDTIVVGGKDKAIVTKIRALLKPKPLDEIRDPRFRFDYV
DEVTAAAGVKIAAPGLEEALAGSPVIAAPTPEDVEKAKQEILEQIERVVISTDKVGVIVKADTLGSLEALSKELQEKEIP
IRKADVGNVSKTDVMEALSVKEEEPKYGVILGFNVKVNEDAEEVAKAKDVKIFVGNVIYKLIEDYEEWVKEEEEKKK
;
_entity_poly.pdbx_strand_id   A
#
# COMPACT_ATOMS: atom_id res chain seq x y z
N LYS A 22 -7.70 -10.21 26.67
CA LYS A 22 -7.79 -9.12 25.70
C LYS A 22 -6.41 -8.64 25.28
N ARG A 23 -6.01 -8.97 24.05
CA ARG A 23 -4.73 -8.54 23.52
C ARG A 23 -4.79 -7.12 22.98
N ILE A 24 -3.66 -6.40 23.12
CA ILE A 24 -3.56 -5.02 22.68
C ILE A 24 -3.39 -5.02 21.16
N ARG A 25 -4.14 -4.14 20.51
CA ARG A 25 -4.03 -3.93 19.08
C ARG A 25 -2.64 -3.48 18.68
N GLN A 26 -2.13 -4.05 17.58
CA GLN A 26 -0.99 -3.49 16.89
C GLN A 26 -1.54 -2.57 15.80
N PRO A 27 -1.34 -1.25 15.89
CA PRO A 27 -1.97 -0.33 14.92
C PRO A 27 -1.38 -0.45 13.53
N ILE A 28 -2.20 -0.13 12.55
CA ILE A 28 -1.77 -0.03 11.16
C ILE A 28 -1.29 1.39 10.94
N ILE A 29 -0.07 1.51 10.46
CA ILE A 29 0.51 2.80 10.13
C ILE A 29 0.72 2.81 8.62
N ALA A 30 -0.12 3.52 7.87
CA ALA A 30 0.06 3.63 6.42
C ALA A 30 1.04 4.73 6.06
N VAL A 31 1.91 4.46 5.09
CA VAL A 31 2.88 5.42 4.59
C VAL A 31 2.41 5.87 3.22
N LEU A 32 2.13 7.17 3.07
CA LEU A 32 1.58 7.76 1.84
C LEU A 32 2.44 8.93 1.39
N GLY A 33 2.35 9.24 0.11
CA GLY A 33 2.97 10.43 -0.44
C GLY A 33 3.30 10.26 -1.91
N HIS A 34 3.80 11.36 -2.47
CA HIS A 34 4.06 11.46 -3.89
C HIS A 34 5.18 10.52 -4.31
N VAL A 35 5.17 10.19 -5.61
CA VAL A 35 6.14 9.24 -6.15
C VAL A 35 7.55 9.71 -5.86
N ASP A 36 8.39 8.77 -5.41
CA ASP A 36 9.81 8.94 -5.12
C ASP A 36 10.09 9.78 -3.87
N HIS A 37 9.09 10.25 -3.12
CA HIS A 37 9.43 11.13 -2.01
C HIS A 37 10.08 10.38 -0.84
N GLY A 38 10.09 9.05 -0.87
CA GLY A 38 10.92 8.25 0.03
C GLY A 38 10.28 7.26 0.98
N LYS A 39 9.04 6.88 0.68
CA LYS A 39 8.26 6.00 1.54
C LYS A 39 8.97 4.67 1.81
N THR A 40 9.34 3.95 0.74
CA THR A 40 9.96 2.63 0.88
C THR A 40 11.35 2.71 1.49
N THR A 41 12.12 3.74 1.14
CA THR A 41 13.42 3.97 1.76
C THR A 41 13.29 4.12 3.28
N LEU A 42 12.30 4.88 3.74
CA LEU A 42 12.06 5.02 5.17
C LEU A 42 11.87 3.66 5.81
N LEU A 43 10.96 2.84 5.26
CA LEU A 43 10.72 1.51 5.83
C LEU A 43 11.95 0.62 5.72
N ASP A 44 12.70 0.70 4.61
CA ASP A 44 13.94 -0.06 4.48
C ASP A 44 14.96 0.31 5.56
N ARG A 45 15.01 1.59 5.95
CA ARG A 45 15.99 2.00 6.95
C ARG A 45 15.61 1.43 8.31
N ILE A 46 14.29 1.41 8.60
CA ILE A 46 13.79 0.83 9.84
C ILE A 46 14.01 -0.69 9.88
N ARG A 47 13.76 -1.38 8.77
CA ARG A 47 13.88 -2.83 8.68
C ARG A 47 15.32 -3.32 8.47
N LYS A 48 16.20 -2.44 7.97
CA LYS A 48 17.51 -2.82 7.45
C LYS A 48 17.34 -3.76 6.26
N THR A 49 16.47 -3.37 5.34
CA THR A 49 16.19 -4.13 4.14
C THR A 49 16.49 -3.33 2.87
N ASN A 50 16.27 -3.95 1.71
CA ASN A 50 16.51 -3.27 0.44
C ASN A 50 15.37 -3.54 -0.52
N VAL A 51 14.13 -3.40 -0.02
CA VAL A 51 12.95 -3.58 -0.87
C VAL A 51 13.01 -2.63 -2.07
N ALA A 52 13.36 -1.37 -1.83
CA ALA A 52 13.33 -0.40 -2.92
C ALA A 52 14.31 -0.79 -4.03
N ALA A 53 15.48 -1.31 -3.66
CA ALA A 53 16.48 -1.63 -4.67
C ALA A 53 16.03 -2.75 -5.59
N LYS A 54 15.06 -3.57 -5.17
CA LYS A 54 14.64 -4.75 -5.92
C LYS A 54 13.28 -4.59 -6.59
N GLU A 55 12.63 -3.45 -6.40
CA GLU A 55 11.34 -3.24 -7.05
C GLU A 55 11.50 -3.13 -8.56
N ALA A 56 10.69 -3.90 -9.28
CA ALA A 56 10.67 -3.80 -10.74
C ALA A 56 10.27 -2.41 -11.19
N GLY A 57 11.05 -1.83 -12.11
CA GLY A 57 10.81 -0.48 -12.58
C GLY A 57 11.04 0.62 -11.58
N GLY A 58 11.64 0.29 -10.43
CA GLY A 58 12.04 1.32 -9.49
C GLY A 58 10.92 2.12 -8.85
N ILE A 59 9.73 1.54 -8.78
CA ILE A 59 8.55 2.11 -8.13
C ILE A 59 7.79 1.03 -7.35
N THR A 60 7.12 1.45 -6.27
CA THR A 60 6.17 0.59 -5.60
C THR A 60 4.89 0.50 -6.42
N GLN A 61 4.36 -0.73 -6.54
CA GLN A 61 3.15 -0.99 -7.31
C GLN A 61 2.12 -1.81 -6.53
N HIS A 62 2.33 -2.05 -5.23
CA HIS A 62 1.45 -2.90 -4.43
C HIS A 62 1.49 -2.38 -3.02
N ILE A 63 0.55 -2.80 -2.21
CA ILE A 63 0.58 -2.54 -0.77
C ILE A 63 1.46 -3.57 -0.08
N GLY A 64 2.28 -3.12 0.87
CA GLY A 64 3.14 -3.99 1.62
C GLY A 64 2.76 -3.94 3.09
N ALA A 65 3.26 -4.90 3.85
CA ALA A 65 3.00 -4.91 5.29
C ALA A 65 4.24 -5.41 6.02
N THR A 66 4.63 -4.67 7.06
CA THR A 66 5.78 -5.04 7.88
C THR A 66 5.48 -4.86 9.35
N GLU A 67 5.73 -5.91 10.16
CA GLU A 67 5.67 -5.83 11.62
C GLU A 67 6.95 -5.21 12.18
N VAL A 68 6.81 -4.15 12.96
CA VAL A 68 7.92 -3.53 13.65
C VAL A 68 7.64 -3.65 15.14
N PRO A 69 8.29 -4.59 15.83
CA PRO A 69 7.97 -4.79 17.25
C PRO A 69 8.32 -3.56 18.08
N ILE A 70 7.62 -3.40 19.20
CA ILE A 70 7.87 -2.22 20.02
C ILE A 70 9.30 -2.22 20.57
N GLU A 71 9.90 -3.39 20.77
CA GLU A 71 11.31 -3.44 21.19
C GLU A 71 12.20 -2.74 20.17
N VAL A 72 11.86 -2.83 18.88
CA VAL A 72 12.66 -2.19 17.83
C VAL A 72 12.46 -0.69 17.89
N VAL A 73 11.21 -0.25 17.98
CA VAL A 73 10.90 1.16 18.18
C VAL A 73 11.72 1.72 19.34
N LYS A 74 11.73 1.01 20.47
CA LYS A 74 12.41 1.57 21.64
C LYS A 74 13.92 1.56 21.47
N LYS A 75 14.45 0.60 20.72
CA LYS A 75 15.89 0.59 20.48
C LYS A 75 16.29 1.73 19.56
N ILE A 76 15.53 1.96 18.49
CA ILE A 76 15.83 3.06 17.58
C ILE A 76 15.68 4.38 18.31
N ALA A 77 14.62 4.52 19.10
CA ALA A 77 14.34 5.80 19.75
C ALA A 77 15.34 6.10 20.86
N GLY A 78 15.76 5.08 21.62
CA GLY A 78 16.61 5.27 22.76
C GLY A 78 16.02 6.26 23.76
N PRO A 79 16.82 7.22 24.21
CA PRO A 79 16.31 8.15 25.23
C PRO A 79 15.22 9.09 24.71
N LEU A 80 15.08 9.22 23.40
CA LEU A 80 14.06 10.10 22.85
C LEU A 80 12.67 9.55 23.04
N ILE A 81 12.51 8.34 23.59
CA ILE A 81 11.17 7.88 23.95
C ILE A 81 10.52 8.82 24.95
N LYS A 82 11.33 9.53 25.76
CA LYS A 82 10.82 10.50 26.72
C LYS A 82 10.21 11.72 26.06
N LEU A 83 10.44 11.88 24.74
CA LEU A 83 9.74 12.90 23.98
C LEU A 83 8.23 12.82 24.19
N TRP A 84 7.70 11.62 24.37
CA TRP A 84 6.27 11.38 24.55
C TRP A 84 6.02 11.05 26.01
N LYS A 85 5.18 11.85 26.66
CA LYS A 85 4.99 11.74 28.11
C LYS A 85 4.51 10.35 28.50
N ALA A 86 3.51 9.85 27.79
CA ALA A 86 2.86 8.63 28.21
C ALA A 86 3.70 7.41 27.88
N GLU A 87 3.60 6.40 28.75
CA GLU A 87 4.23 5.12 28.49
C GLU A 87 3.58 4.44 27.28
N ILE A 88 4.39 3.97 26.35
CA ILE A 88 3.89 3.25 25.17
C ILE A 88 3.69 1.78 25.52
N LYS A 89 2.43 1.33 25.45
CA LYS A 89 2.06 -0.04 25.80
C LYS A 89 1.68 -0.88 24.57
N LEU A 90 1.80 -0.30 23.38
CA LEU A 90 1.55 -1.04 22.16
C LEU A 90 2.55 -2.17 22.00
N PRO A 91 2.15 -3.28 21.34
CA PRO A 91 3.09 -4.39 21.11
C PRO A 91 4.05 -4.12 19.96
N GLY A 92 3.75 -3.16 19.11
CA GLY A 92 4.47 -2.93 17.88
C GLY A 92 3.59 -2.11 16.96
N LEU A 93 4.07 -1.95 15.74
CA LEU A 93 3.41 -1.21 14.67
C LEU A 93 3.44 -2.05 13.41
N LEU A 94 2.33 -2.07 12.68
CA LEU A 94 2.27 -2.72 11.37
C LEU A 94 2.29 -1.62 10.30
N PHE A 95 3.40 -1.50 9.60
CA PHE A 95 3.54 -0.47 8.59
C PHE A 95 3.07 -1.00 7.25
N ILE A 96 2.20 -0.23 6.61
CA ILE A 96 1.69 -0.54 5.29
C ILE A 96 2.31 0.45 4.29
N ASP A 97 3.09 -0.06 3.36
CA ASP A 97 3.67 0.73 2.28
C ASP A 97 2.67 0.82 1.15
N THR A 98 2.67 1.95 0.45
CA THR A 98 1.73 2.21 -0.63
C THR A 98 2.46 2.82 -1.82
N PRO A 99 1.90 2.68 -3.02
CA PRO A 99 2.51 3.31 -4.20
C PRO A 99 2.27 4.81 -4.21
N GLY A 100 3.27 5.55 -4.71
CA GLY A 100 3.12 6.97 -5.02
C GLY A 100 2.74 7.28 -6.45
N HIS A 101 3.06 6.37 -7.37
CA HIS A 101 2.77 6.61 -8.78
C HIS A 101 1.29 6.96 -8.95
N GLU A 102 1.03 7.97 -9.80
CA GLU A 102 -0.31 8.57 -9.83
C GLU A 102 -1.39 7.58 -10.20
N ALA A 103 -1.06 6.51 -10.90
CA ALA A 103 -2.12 5.61 -11.34
C ALA A 103 -2.79 4.86 -10.18
N PHE A 104 -2.11 4.71 -9.04
CA PHE A 104 -2.51 3.76 -8.00
C PHE A 104 -3.37 4.41 -6.93
N THR A 105 -4.30 5.29 -7.34
CA THR A 105 -5.17 5.96 -6.39
CA THR A 105 -5.16 5.96 -6.38
C THR A 105 -5.92 4.96 -5.51
N SER A 106 -6.42 3.88 -6.09
CA SER A 106 -7.21 2.93 -5.31
CA SER A 106 -7.22 2.95 -5.30
C SER A 106 -6.37 2.24 -4.25
N LEU A 107 -5.09 1.93 -4.54
CA LEU A 107 -4.27 1.36 -3.45
C LEU A 107 -3.94 2.38 -2.36
N ARG A 108 -3.75 3.66 -2.70
CA ARG A 108 -3.55 4.67 -1.65
C ARG A 108 -4.81 4.81 -0.81
N ALA A 109 -5.97 4.77 -1.45
CA ALA A 109 -7.22 4.82 -0.70
C ALA A 109 -7.36 3.63 0.24
N ARG A 110 -6.97 2.43 -0.23
CA ARG A 110 -7.08 1.23 0.60
C ARG A 110 -6.15 1.36 1.79
N GLY A 111 -4.91 1.79 1.54
CA GLY A 111 -3.98 2.00 2.62
C GLY A 111 -4.50 3.02 3.63
N GLY A 112 -5.01 4.16 3.14
CA GLY A 112 -5.55 5.18 4.05
C GLY A 112 -6.73 4.66 4.85
N SER A 113 -7.57 3.84 4.22
CA SER A 113 -8.77 3.31 4.88
C SER A 113 -8.42 2.30 5.96
N LEU A 114 -7.30 1.62 5.82
CA LEU A 114 -6.88 0.64 6.81
C LEU A 114 -6.21 1.28 8.02
N ALA A 115 -5.64 2.47 7.83
CA ALA A 115 -4.73 3.02 8.81
C ALA A 115 -5.44 3.49 10.08
N ASP A 116 -4.80 3.17 11.20
CA ASP A 116 -5.07 3.87 12.44
C ASP A 116 -4.42 5.23 12.46
N LEU A 117 -3.22 5.35 11.89
CA LEU A 117 -2.49 6.59 11.80
C LEU A 117 -1.68 6.47 10.53
N ALA A 118 -1.42 7.61 9.87
CA ALA A 118 -0.58 7.61 8.68
C ALA A 118 0.65 8.49 8.88
N VAL A 119 1.67 8.15 8.08
CA VAL A 119 2.84 8.99 7.85
C VAL A 119 2.74 9.53 6.45
N LEU A 120 2.64 10.85 6.33
CA LEU A 120 2.63 11.52 5.05
C LEU A 120 4.06 11.93 4.76
N VAL A 121 4.68 11.28 3.79
CA VAL A 121 6.06 11.58 3.45
C VAL A 121 6.06 12.63 2.36
N VAL A 122 6.80 13.72 2.57
CA VAL A 122 6.89 14.80 1.60
CA VAL A 122 6.90 14.78 1.58
C VAL A 122 8.35 15.23 1.49
N ASP A 123 8.88 15.29 0.27
CA ASP A 123 10.24 15.78 0.02
C ASP A 123 10.33 17.25 0.39
N ILE A 124 11.16 17.57 1.39
CA ILE A 124 11.30 18.96 1.84
C ILE A 124 11.79 19.88 0.73
N ASN A 125 12.52 19.35 -0.24
CA ASN A 125 13.06 20.17 -1.32
C ASN A 125 12.08 20.38 -2.45
N GLU A 126 11.30 19.36 -2.79
CA GLU A 126 10.31 19.47 -3.87
C GLU A 126 8.96 19.97 -3.38
N GLY A 127 8.70 19.80 -2.10
CA GLY A 127 7.45 20.27 -1.54
C GLY A 127 6.24 19.49 -2.03
N PHE A 128 5.06 20.08 -1.81
CA PHE A 128 3.83 19.43 -2.20
C PHE A 128 3.79 19.17 -3.70
N GLN A 129 3.33 17.97 -4.06
CA GLN A 129 3.08 17.57 -5.43
C GLN A 129 1.74 16.87 -5.50
N PRO A 130 1.27 16.52 -6.71
CA PRO A 130 -0.12 16.06 -6.84
C PRO A 130 -0.54 14.91 -5.93
N GLN A 131 0.34 13.93 -5.69
CA GLN A 131 -0.07 12.83 -4.83
C GLN A 131 0.14 13.14 -3.35
N THR A 132 0.85 14.23 -3.01
CA THR A 132 0.80 14.77 -1.65
C THR A 132 -0.62 15.22 -1.36
N ILE A 133 -1.18 16.03 -2.26
CA ILE A 133 -2.54 16.55 -2.15
C ILE A 133 -3.55 15.42 -2.15
N GLU A 134 -3.42 14.47 -3.07
CA GLU A 134 -4.35 13.33 -3.11
CA GLU A 134 -4.37 13.35 -3.10
C GLU A 134 -4.31 12.55 -1.81
N SER A 135 -3.10 12.32 -1.27
CA SER A 135 -2.98 11.61 0.00
C SER A 135 -3.69 12.35 1.13
N ILE A 136 -3.57 13.67 1.16
CA ILE A 136 -4.25 14.46 2.19
C ILE A 136 -5.74 14.30 2.04
N GLU A 137 -6.25 14.34 0.81
CA GLU A 137 -7.68 14.16 0.61
C GLU A 137 -8.16 12.79 1.10
N ILE A 138 -7.36 11.74 0.88
CA ILE A 138 -7.66 10.40 1.39
C ILE A 138 -7.71 10.40 2.92
N LEU A 139 -6.71 11.02 3.56
CA LEU A 139 -6.64 11.04 5.02
C LEU A 139 -7.81 11.83 5.59
N ARG A 140 -8.20 12.91 4.93
CA ARG A 140 -9.39 13.63 5.35
CA ARG A 140 -9.38 13.62 5.37
C ARG A 140 -10.63 12.77 5.20
N LYS A 141 -10.73 12.06 4.08
CA LYS A 141 -11.89 11.23 3.79
C LYS A 141 -12.07 10.14 4.83
N TYR A 142 -11.00 9.46 5.22
CA TYR A 142 -11.08 8.40 6.22
C TYR A 142 -10.85 8.89 7.65
N ARG A 143 -10.73 10.22 7.85
CA ARG A 143 -10.53 10.81 9.16
C ARG A 143 -9.42 10.07 9.90
N THR A 144 -8.31 9.90 9.19
CA THR A 144 -7.11 9.25 9.68
C THR A 144 -6.15 10.30 10.22
N PRO A 145 -5.81 10.29 11.49
CA PRO A 145 -4.74 11.19 11.96
C PRO A 145 -3.41 10.85 11.30
N PHE A 146 -2.53 11.85 11.22
CA PHE A 146 -1.26 11.60 10.58
C PHE A 146 -0.17 12.52 11.11
N VAL A 147 1.04 12.06 10.90
CA VAL A 147 2.26 12.81 11.14
CA VAL A 147 2.26 12.79 11.15
C VAL A 147 2.91 13.00 9.79
N VAL A 148 3.71 14.07 9.68
CA VAL A 148 4.41 14.39 8.44
C VAL A 148 5.88 14.09 8.58
N ALA A 149 6.42 13.39 7.61
CA ALA A 149 7.86 13.19 7.50
C ALA A 149 8.35 14.06 6.35
N ALA A 150 9.07 15.14 6.67
CA ALA A 150 9.62 16.06 5.69
C ALA A 150 11.01 15.51 5.36
N ASN A 151 11.06 14.75 4.28
CA ASN A 151 12.18 13.89 3.95
C ASN A 151 13.21 14.56 3.03
N LYS A 152 14.40 13.95 2.98
CA LYS A 152 15.51 14.38 2.13
C LYS A 152 16.19 15.67 2.61
N ILE A 153 16.23 15.89 3.92
CA ILE A 153 16.91 17.05 4.46
C ILE A 153 18.40 17.01 4.14
N ASP A 154 18.95 15.81 3.88
CA ASP A 154 20.37 15.64 3.55
C ASP A 154 20.73 16.27 2.21
N ARG A 155 19.74 16.69 1.43
CA ARG A 155 20.05 17.40 0.18
C ARG A 155 20.08 18.93 0.34
N ILE A 156 19.74 19.46 1.51
CA ILE A 156 19.96 20.88 1.78
C ILE A 156 21.44 21.19 1.67
N LYS A 157 21.76 22.32 1.04
CA LYS A 157 23.15 22.61 0.71
C LYS A 157 23.98 22.59 1.98
N GLY A 158 25.07 21.85 1.95
CA GLY A 158 26.02 21.78 3.03
C GLY A 158 25.61 20.96 4.22
N TRP A 159 24.56 20.14 4.09
CA TRP A 159 24.09 19.36 5.22
C TRP A 159 25.17 18.42 5.70
N VAL A 160 25.30 18.31 7.02
CA VAL A 160 26.27 17.42 7.65
C VAL A 160 25.53 16.14 8.00
N ILE A 161 25.85 15.03 7.35
CA ILE A 161 25.14 13.78 7.56
C ILE A 161 25.84 12.95 8.63
N GLU A 162 25.08 12.49 9.61
CA GLU A 162 25.54 11.44 10.52
C GLU A 162 24.45 10.36 10.55
N GLU A 163 24.82 9.12 10.26
CA GLU A 163 23.77 8.12 10.03
C GLU A 163 23.09 7.72 11.34
N ASP A 164 21.78 7.50 11.23
CA ASP A 164 20.92 7.03 12.32
C ASP A 164 20.98 7.93 13.56
N GLU A 165 21.16 9.22 13.36
CA GLU A 165 21.18 10.20 14.43
C GLU A 165 19.82 10.85 14.59
N PRO A 166 19.35 11.05 15.81
CA PRO A 166 18.10 11.79 15.98
C PRO A 166 18.20 13.18 15.36
N PHE A 167 17.07 13.68 14.82
CA PHE A 167 17.09 15.01 14.23
C PHE A 167 17.58 16.06 15.23
N LEU A 168 17.13 15.96 16.48
CA LEU A 168 17.47 17.02 17.42
C LEU A 168 18.95 17.00 17.77
N MET A 169 19.64 15.89 17.50
CA MET A 169 21.09 15.85 17.64
C MET A 169 21.77 16.31 16.37
N ASN A 170 21.26 15.86 15.21
CA ASN A 170 21.89 16.19 13.94
C ASN A 170 21.77 17.68 13.62
N ILE A 171 20.68 18.34 14.03
CA ILE A 171 20.49 19.73 13.66
C ILE A 171 21.58 20.62 14.27
N LYS A 172 22.13 20.19 15.39
CA LYS A 172 23.20 20.97 16.03
C LYS A 172 24.48 20.98 15.23
N LYS A 173 24.62 20.12 14.22
CA LYS A 173 25.84 20.05 13.43
C LYS A 173 25.78 20.92 12.19
N GLN A 174 24.65 21.56 11.93
CA GLN A 174 24.45 22.31 10.71
C GLN A 174 24.88 23.77 10.86
N ASP A 175 25.41 24.31 9.79
CA ASP A 175 25.73 25.73 9.85
C ASP A 175 24.47 26.55 9.64
N GLN A 176 24.59 27.85 9.94
CA GLN A 176 23.41 28.71 9.96
C GLN A 176 22.74 28.73 8.60
N ARG A 177 23.50 28.66 7.52
CA ARG A 177 22.86 28.67 6.21
C ARG A 177 21.97 27.44 6.01
N ALA A 178 22.42 26.26 6.45
CA ALA A 178 21.61 25.05 6.32
C ALA A 178 20.37 25.10 7.21
N VAL A 179 20.54 25.61 8.44
CA VAL A 179 19.43 25.74 9.37
C VAL A 179 18.38 26.69 8.81
N GLN A 180 18.84 27.80 8.23
CA GLN A 180 17.90 28.76 7.69
C GLN A 180 17.19 28.20 6.48
N GLU A 181 17.89 27.40 5.66
CA GLU A 181 17.25 26.78 4.50
C GLU A 181 16.19 25.76 4.91
N LEU A 182 16.48 24.94 5.91
CA LEU A 182 15.48 24.02 6.44
C LEU A 182 14.25 24.78 6.93
N GLU A 183 14.44 25.86 7.69
CA GLU A 183 13.27 26.55 8.23
C GLU A 183 12.45 27.18 7.11
N THR A 184 13.14 27.71 6.10
CA THR A 184 12.42 28.30 4.96
C THR A 184 11.57 27.25 4.26
N LYS A 185 12.16 26.09 3.99
CA LYS A 185 11.40 25.00 3.38
C LYS A 185 10.28 24.48 4.29
N LEU A 186 10.52 24.42 5.61
CA LEU A 186 9.45 24.02 6.52
C LEU A 186 8.29 24.99 6.48
N TRP A 187 8.57 26.29 6.42
CA TRP A 187 7.48 27.26 6.34
C TRP A 187 6.67 27.07 5.07
N GLU A 188 7.33 26.74 3.95
CA GLU A 188 6.58 26.45 2.73
C GLU A 188 5.60 25.30 2.95
N LEU A 189 6.06 24.23 3.61
CA LEU A 189 5.17 23.12 3.93
C LEU A 189 4.02 23.55 4.83
N ILE A 190 4.33 24.34 5.88
CA ILE A 190 3.31 24.82 6.80
C ILE A 190 2.26 25.66 6.07
N GLY A 191 2.66 26.47 5.09
CA GLY A 191 1.69 27.24 4.35
C GLY A 191 0.81 26.35 3.50
N LYS A 192 1.40 25.33 2.90
CA LYS A 192 0.62 24.38 2.12
C LYS A 192 -0.37 23.63 2.99
N PHE A 193 0.03 23.22 4.20
CA PHE A 193 -0.92 22.56 5.08
C PHE A 193 -2.05 23.50 5.44
N TYR A 194 -1.76 24.79 5.59
CA TYR A 194 -2.82 25.72 5.95
C TYR A 194 -3.80 25.87 4.79
N GLU A 195 -3.27 25.92 3.57
CA GLU A 195 -4.11 25.94 2.38
C GLU A 195 -5.16 24.83 2.43
N PHE A 196 -4.77 23.63 2.89
CA PHE A 196 -5.64 22.45 2.98
C PHE A 196 -6.32 22.28 4.34
N GLY A 197 -6.31 23.31 5.18
CA GLY A 197 -7.06 23.29 6.41
C GLY A 197 -6.40 22.70 7.63
N PHE A 198 -5.09 22.59 7.68
CA PHE A 198 -4.39 22.06 8.85
C PHE A 198 -3.46 23.11 9.44
N GLN A 199 -3.39 23.15 10.78
CA GLN A 199 -2.34 23.83 11.52
C GLN A 199 -1.15 22.90 11.72
N ALA A 200 0.01 23.28 11.21
CA ALA A 200 1.20 22.43 11.26
C ALA A 200 2.42 23.16 11.81
N ASN A 201 3.29 22.39 12.44
CA ASN A 201 4.55 22.96 12.92
C ASN A 201 5.61 21.88 12.99
N ARG A 202 6.87 22.29 13.11
CA ARG A 202 7.92 21.32 13.44
C ARG A 202 7.52 20.62 14.74
N PHE A 203 7.76 19.30 14.80
CA PHE A 203 7.20 18.46 15.86
C PHE A 203 7.60 18.96 17.24
N ASP A 204 8.81 19.49 17.42
CA ASP A 204 9.26 19.92 18.74
C ASP A 204 8.73 21.29 19.14
N ARG A 205 7.88 21.90 18.32
CA ARG A 205 7.26 23.17 18.63
C ARG A 205 5.76 23.06 18.78
N VAL A 206 5.20 21.88 18.52
CA VAL A 206 3.77 21.68 18.59
C VAL A 206 3.32 21.83 20.03
N GLN A 207 2.20 22.53 20.21
CA GLN A 207 1.62 22.71 21.53
C GLN A 207 0.43 21.79 21.78
N ASN A 208 -0.29 21.41 20.74
CA ASN A 208 -1.47 20.56 20.89
C ASN A 208 -1.44 19.52 19.79
N PHE A 209 -1.09 18.28 20.15
CA PHE A 209 -0.92 17.20 19.18
C PHE A 209 -2.23 16.62 18.66
N THR A 210 -3.38 17.05 19.15
CA THR A 210 -4.63 16.67 18.52
C THR A 210 -5.08 17.66 17.46
N ARG A 211 -4.81 18.95 17.67
CA ARG A 211 -5.23 19.99 16.74
C ARG A 211 -4.15 20.41 15.76
N GLU A 212 -2.89 20.08 16.02
CA GLU A 212 -1.81 20.49 15.14
C GLU A 212 -1.16 19.28 14.51
N LEU A 213 -0.69 19.45 13.28
CA LEU A 213 0.08 18.45 12.57
CA LEU A 213 0.08 18.44 12.58
C LEU A 213 1.55 18.63 12.91
N ALA A 214 2.21 17.54 13.30
CA ALA A 214 3.62 17.53 13.63
C ALA A 214 4.42 17.16 12.38
N ILE A 215 5.42 17.96 12.08
CA ILE A 215 6.35 17.70 10.99
C ILE A 215 7.71 17.32 11.55
N VAL A 216 8.19 16.13 11.20
CA VAL A 216 9.54 15.68 11.56
C VAL A 216 10.43 15.80 10.33
N PRO A 217 11.48 16.63 10.37
CA PRO A 217 12.47 16.63 9.29
C PRO A 217 13.31 15.37 9.40
N ILE A 218 13.38 14.62 8.30
CA ILE A 218 14.14 13.39 8.30
C ILE A 218 15.00 13.26 7.05
N SER A 219 15.98 12.36 7.15
CA SER A 219 16.62 11.72 6.00
C SER A 219 16.32 10.22 6.11
N ALA A 220 15.35 9.74 5.34
CA ALA A 220 15.06 8.30 5.33
C ALA A 220 16.28 7.52 4.90
N LYS A 221 17.05 8.06 3.96
CA LYS A 221 18.14 7.29 3.37
C LYS A 221 19.30 7.12 4.34
N TYR A 222 19.56 8.12 5.19
CA TYR A 222 20.66 8.08 6.15
C TYR A 222 20.21 7.89 7.59
N GLY A 223 18.91 7.76 7.83
CA GLY A 223 18.38 7.47 9.15
C GLY A 223 18.33 8.65 10.10
N ILE A 224 18.35 9.88 9.61
CA ILE A 224 18.28 11.04 10.48
C ILE A 224 16.84 11.30 10.83
N GLY A 225 16.54 11.47 12.12
CA GLY A 225 15.21 11.84 12.57
C GLY A 225 14.24 10.67 12.63
N ILE A 226 14.67 9.47 12.28
CA ILE A 226 13.76 8.32 12.40
C ILE A 226 13.39 8.06 13.86
N ALA A 227 14.31 8.31 14.79
CA ALA A 227 14.00 8.14 16.20
C ALA A 227 12.78 8.96 16.61
N GLU A 228 12.79 10.27 16.35
CA GLU A 228 11.67 11.11 16.78
C GLU A 228 10.40 10.75 16.03
N LEU A 229 10.52 10.46 14.74
CA LEU A 229 9.36 10.06 13.97
C LEU A 229 8.68 8.82 14.58
N LEU A 230 9.46 7.79 14.92
CA LEU A 230 8.86 6.58 15.48
C LEU A 230 8.23 6.82 16.85
N VAL A 231 8.86 7.62 17.69
CA VAL A 231 8.26 7.94 18.99
C VAL A 231 6.90 8.58 18.77
N LEU A 232 6.81 9.54 17.85
CA LEU A 232 5.55 10.21 17.60
C LEU A 232 4.52 9.25 17.00
N ILE A 233 4.93 8.40 16.05
CA ILE A 233 3.99 7.42 15.49
C ILE A 233 3.42 6.56 16.60
N ALA A 234 4.28 6.01 17.45
CA ALA A 234 3.78 5.16 18.54
C ALA A 234 2.90 5.94 19.50
N GLY A 235 3.33 7.14 19.89
CA GLY A 235 2.55 7.90 20.86
C GLY A 235 1.20 8.32 20.31
N LEU A 236 1.18 8.81 19.08
CA LEU A 236 -0.06 9.33 18.51
C LEU A 236 -1.02 8.22 18.12
N SER A 237 -0.49 7.08 17.66
CA SER A 237 -1.38 6.00 17.30
C SER A 237 -1.96 5.38 18.55
N GLN A 238 -1.17 5.27 19.62
CA GLN A 238 -1.73 4.84 20.88
C GLN A 238 -2.82 5.79 21.35
N ARG A 239 -2.58 7.11 21.25
CA ARG A 239 -3.56 8.09 21.72
C ARG A 239 -4.85 7.98 20.92
N TYR A 240 -4.74 7.78 19.60
CA TYR A 240 -5.93 7.60 18.77
C TYR A 240 -6.73 6.41 19.24
N LEU A 241 -6.06 5.28 19.47
CA LEU A 241 -6.76 4.07 19.88
C LEU A 241 -7.37 4.25 21.27
N GLU A 242 -6.70 4.98 22.17
CA GLU A 242 -7.29 5.22 23.48
C GLU A 242 -8.50 6.12 23.36
N GLU A 243 -8.42 7.14 22.50
CA GLU A 243 -9.52 8.10 22.36
C GLU A 243 -10.75 7.40 21.79
N LYS A 244 -10.52 6.44 20.91
CA LYS A 244 -11.64 5.71 20.31
C LYS A 244 -12.09 4.50 21.12
N LEU A 245 -11.37 4.13 22.20
CA LEU A 245 -11.61 2.87 22.91
CA LEU A 245 -11.62 2.87 22.91
C LEU A 245 -11.54 1.68 21.95
N LYS A 246 -10.46 1.65 21.15
CA LYS A 246 -10.19 0.62 20.16
C LYS A 246 -8.83 0.00 20.42
N ILE A 247 -8.35 0.10 21.66
CA ILE A 247 -7.02 -0.45 21.89
C ILE A 247 -7.03 -1.97 22.11
N GLU A 248 -8.16 -2.55 22.54
CA GLU A 248 -8.26 -3.99 22.73
C GLU A 248 -8.86 -4.62 21.48
N VAL A 249 -8.30 -5.75 21.08
CA VAL A 249 -8.78 -6.49 19.91
C VAL A 249 -9.95 -7.39 20.29
N GLU A 250 -11.00 -7.37 19.48
CA GLU A 250 -12.19 -8.19 19.70
C GLU A 250 -12.73 -8.72 18.38
N GLY A 251 -13.43 -9.85 18.46
CA GLY A 251 -14.22 -10.34 17.36
C GLY A 251 -13.48 -11.20 16.37
N PRO A 252 -14.19 -11.69 15.36
CA PRO A 252 -13.55 -12.53 14.35
C PRO A 252 -12.71 -11.72 13.39
N ALA A 253 -11.84 -12.44 12.70
CA ALA A 253 -10.87 -11.79 11.86
C ALA A 253 -11.50 -11.22 10.60
N ARG A 254 -11.00 -10.05 10.22
CA ARG A 254 -11.32 -9.38 8.96
C ARG A 254 -10.02 -8.90 8.35
N GLY A 255 -9.86 -9.11 7.04
CA GLY A 255 -8.62 -8.79 6.37
C GLY A 255 -8.83 -8.51 4.90
N THR A 256 -7.72 -8.18 4.25
CA THR A 256 -7.68 -7.95 2.80
CA THR A 256 -7.66 -7.94 2.81
C THR A 256 -6.53 -8.77 2.24
N ILE A 257 -6.74 -9.34 1.07
CA ILE A 257 -5.76 -10.23 0.47
C ILE A 257 -4.75 -9.42 -0.32
N LEU A 258 -3.48 -9.64 -0.06
CA LEU A 258 -2.42 -8.92 -0.76
C LEU A 258 -1.93 -9.68 -1.99
N GLU A 259 -1.81 -11.01 -1.88
CA GLU A 259 -1.16 -11.82 -2.91
C GLU A 259 -1.60 -13.27 -2.80
N VAL A 260 -1.72 -13.91 -3.95
CA VAL A 260 -2.15 -15.29 -4.10
C VAL A 260 -0.94 -16.04 -4.64
N ARG A 261 -0.50 -17.08 -3.93
CA ARG A 261 0.74 -17.76 -4.30
C ARG A 261 0.60 -19.26 -4.12
N GLU A 262 1.39 -20.02 -4.88
CA GLU A 262 1.53 -21.46 -4.70
C GLU A 262 2.96 -21.71 -4.31
N GLU A 263 3.17 -22.31 -3.13
CA GLU A 263 4.51 -22.41 -2.59
C GLU A 263 4.89 -23.83 -2.22
N PRO A 264 6.10 -24.26 -2.57
CA PRO A 264 6.50 -25.65 -2.26
C PRO A 264 6.36 -25.96 -0.77
N GLY A 265 5.66 -27.06 -0.49
CA GLY A 265 5.45 -27.53 0.86
C GLY A 265 4.28 -26.91 1.58
N LEU A 266 3.74 -25.79 1.07
CA LEU A 266 2.62 -25.08 1.70
C LEU A 266 1.33 -25.19 0.90
N GLY A 267 1.42 -25.45 -0.39
CA GLY A 267 0.25 -25.51 -1.23
C GLY A 267 -0.11 -24.13 -1.73
N HIS A 268 -1.37 -23.98 -2.14
CA HIS A 268 -1.92 -22.69 -2.55
C HIS A 268 -2.22 -21.86 -1.31
N THR A 269 -1.63 -20.66 -1.25
CA THR A 269 -1.73 -19.81 -0.08
C THR A 269 -2.18 -18.41 -0.47
N ILE A 270 -2.54 -17.62 0.54
CA ILE A 270 -2.76 -16.20 0.37
C ILE A 270 -2.03 -15.44 1.48
N ASP A 271 -1.41 -14.30 1.10
CA ASP A 271 -0.76 -13.39 2.03
C ASP A 271 -1.78 -12.29 2.26
N VAL A 272 -2.05 -11.96 3.52
CA VAL A 272 -3.12 -11.03 3.84
C VAL A 272 -2.71 -10.04 4.92
N ILE A 273 -3.47 -8.95 5.01
CA ILE A 273 -3.43 -8.10 6.19
C ILE A 273 -4.71 -8.35 6.98
N ILE A 274 -4.55 -8.79 8.22
CA ILE A 274 -5.67 -8.89 9.15
C ILE A 274 -5.75 -7.57 9.90
N TYR A 275 -6.84 -6.82 9.69
CA TYR A 275 -6.94 -5.49 10.25
C TYR A 275 -7.91 -5.41 11.40
N ASP A 276 -8.67 -6.45 11.68
CA ASP A 276 -9.51 -6.48 12.88
CA ASP A 276 -9.49 -6.48 12.89
C ASP A 276 -9.65 -7.92 13.35
N GLY A 277 -9.90 -8.08 14.67
CA GLY A 277 -10.09 -9.39 15.25
C GLY A 277 -8.85 -10.26 15.37
N THR A 278 -9.11 -11.53 15.62
CA THR A 278 -8.07 -12.53 15.80
C THR A 278 -8.33 -13.66 14.82
N LEU A 279 -7.32 -14.00 14.02
CA LEU A 279 -7.39 -15.11 13.08
C LEU A 279 -6.76 -16.36 13.71
N HIS A 280 -7.45 -17.48 13.65
CA HIS A 280 -6.96 -18.72 14.20
C HIS A 280 -6.73 -19.73 13.09
N LYS A 281 -5.78 -20.64 13.31
CA LYS A 281 -5.41 -21.62 12.28
C LYS A 281 -6.48 -22.65 11.94
N ASP A 282 -7.60 -22.73 12.67
CA ASP A 282 -8.71 -23.60 12.26
C ASP A 282 -10.00 -22.85 11.92
N ASP A 283 -9.90 -21.55 11.67
CA ASP A 283 -11.08 -20.75 11.35
C ASP A 283 -11.68 -21.11 9.99
N THR A 284 -12.99 -21.09 9.90
CA THR A 284 -13.65 -21.03 8.61
C THR A 284 -13.55 -19.61 8.08
N ILE A 285 -13.18 -19.46 6.80
CA ILE A 285 -13.08 -18.15 6.20
C ILE A 285 -13.78 -18.13 4.85
N VAL A 286 -14.14 -16.92 4.43
CA VAL A 286 -14.68 -16.66 3.10
C VAL A 286 -13.73 -15.68 2.44
N VAL A 287 -13.35 -15.95 1.20
CA VAL A 287 -12.42 -15.08 0.53
C VAL A 287 -12.95 -14.79 -0.87
N GLY A 288 -12.56 -13.65 -1.40
CA GLY A 288 -12.95 -13.33 -2.75
C GLY A 288 -12.27 -14.26 -3.73
N GLY A 289 -13.00 -14.65 -4.77
CA GLY A 289 -12.49 -15.54 -5.78
C GLY A 289 -12.68 -14.94 -7.17
N LYS A 290 -11.94 -15.45 -8.15
CA LYS A 290 -12.02 -14.89 -9.48
C LYS A 290 -13.38 -15.17 -10.12
N ASP A 291 -13.93 -16.35 -9.87
CA ASP A 291 -15.26 -16.72 -10.37
C ASP A 291 -16.34 -16.45 -9.33
N LYS A 292 -16.12 -16.86 -8.09
CA LYS A 292 -17.14 -16.81 -7.05
C LYS A 292 -16.47 -16.87 -5.69
N ALA A 293 -17.23 -16.53 -4.65
CA ALA A 293 -16.67 -16.55 -3.30
C ALA A 293 -16.24 -17.97 -2.92
N ILE A 294 -15.18 -18.04 -2.13
CA ILE A 294 -14.58 -19.30 -1.74
C ILE A 294 -14.77 -19.43 -0.24
N VAL A 295 -15.36 -20.55 0.19
CA VAL A 295 -15.55 -20.86 1.60
C VAL A 295 -14.61 -22.01 1.92
N THR A 296 -13.73 -21.80 2.89
CA THR A 296 -12.73 -22.80 3.23
C THR A 296 -12.39 -22.73 4.71
N LYS A 297 -11.66 -23.74 5.18
CA LYS A 297 -11.24 -23.83 6.58
C LYS A 297 -9.72 -23.87 6.64
N ILE A 298 -9.14 -23.00 7.47
CA ILE A 298 -7.70 -22.80 7.49
C ILE A 298 -7.04 -24.04 8.07
N ARG A 299 -5.92 -24.42 7.48
CA ARG A 299 -5.16 -25.53 8.02
C ARG A 299 -3.81 -25.12 8.57
N ALA A 300 -3.27 -23.98 8.14
CA ALA A 300 -2.03 -23.48 8.70
C ALA A 300 -1.97 -21.97 8.53
N LEU A 301 -1.36 -21.31 9.52
CA LEU A 301 -0.99 -19.89 9.45
C LEU A 301 0.52 -19.76 9.57
N LEU A 302 1.11 -18.91 8.73
CA LEU A 302 2.54 -18.66 8.77
C LEU A 302 2.79 -17.16 8.79
N LYS A 303 3.62 -16.73 9.73
CA LYS A 303 3.82 -15.31 9.94
C LYS A 303 5.23 -14.91 9.51
N PRO A 304 5.36 -13.85 8.72
CA PRO A 304 6.70 -13.38 8.38
C PRO A 304 7.48 -13.03 9.63
N LYS A 305 8.79 -13.14 9.52
CA LYS A 305 9.63 -12.64 10.60
C LYS A 305 9.37 -11.14 10.85
N PRO A 306 9.52 -10.70 12.09
CA PRO A 306 9.49 -9.24 12.34
C PRO A 306 10.53 -8.57 11.47
N LEU A 307 10.17 -7.38 10.98
CA LEU A 307 10.97 -6.51 10.11
C LEU A 307 11.12 -7.07 8.71
N ASP A 308 10.37 -8.10 8.34
CA ASP A 308 10.37 -8.63 6.98
C ASP A 308 9.10 -8.15 6.26
N GLU A 309 9.29 -7.53 5.10
CA GLU A 309 8.17 -7.13 4.26
C GLU A 309 7.48 -8.36 3.67
N ILE A 310 6.19 -8.51 3.96
CA ILE A 310 5.50 -9.73 3.54
C ILE A 310 5.50 -9.87 2.02
N ARG A 311 5.52 -8.74 1.30
CA ARG A 311 5.54 -8.79 -0.15
C ARG A 311 6.91 -9.03 -0.74
N ASP A 312 7.98 -8.98 0.04
CA ASP A 312 9.33 -9.17 -0.47
C ASP A 312 10.21 -9.68 0.65
N PRO A 313 9.93 -10.89 1.12
CA PRO A 313 10.56 -11.39 2.35
C PRO A 313 11.94 -11.96 2.09
N ARG A 314 12.81 -11.80 3.08
CA ARG A 314 14.14 -12.39 3.06
C ARG A 314 14.18 -13.77 3.69
N PHE A 315 13.19 -14.08 4.51
CA PHE A 315 13.19 -15.30 5.31
C PHE A 315 11.90 -16.09 5.13
N ARG A 316 11.99 -17.40 5.35
CA ARG A 316 10.77 -18.20 5.38
C ARG A 316 9.88 -17.80 6.56
N PHE A 317 8.58 -18.04 6.44
CA PHE A 317 7.68 -17.61 7.51
C PHE A 317 7.62 -18.69 8.58
N ASP A 318 7.16 -18.32 9.77
CA ASP A 318 7.04 -19.25 10.88
C ASP A 318 5.59 -19.66 11.13
N TYR A 319 5.37 -20.95 11.36
CA TYR A 319 4.01 -21.40 11.71
C TYR A 319 3.57 -20.78 13.02
N VAL A 320 2.31 -20.33 13.05
CA VAL A 320 1.70 -19.80 14.27
C VAL A 320 0.29 -20.36 14.42
N ASP A 321 -0.23 -20.29 15.63
CA ASP A 321 -1.58 -20.76 15.89
C ASP A 321 -2.63 -19.68 15.64
N GLU A 322 -2.24 -18.40 15.73
CA GLU A 322 -3.16 -17.27 15.61
C GLU A 322 -2.35 -16.00 15.42
N VAL A 323 -3.01 -14.98 14.86
CA VAL A 323 -2.50 -13.63 14.85
C VAL A 323 -3.61 -12.69 15.30
N THR A 324 -3.21 -11.66 16.06
CA THR A 324 -4.12 -10.63 16.52
CA THR A 324 -4.10 -10.63 16.54
C THR A 324 -3.90 -9.35 15.73
N ALA A 325 -4.98 -8.63 15.53
CA ALA A 325 -4.88 -7.46 14.66
C ALA A 325 -4.01 -6.35 15.22
N ALA A 326 -3.37 -5.61 14.32
CA ALA A 326 -3.26 -5.87 12.89
C ALA A 326 -1.99 -6.70 12.64
N ALA A 327 -2.04 -7.58 11.64
CA ALA A 327 -0.89 -8.45 11.37
C ALA A 327 -0.84 -8.78 9.88
N GLY A 328 0.36 -9.00 9.36
CA GLY A 328 0.49 -9.67 8.08
C GLY A 328 0.64 -11.16 8.33
N VAL A 329 -0.01 -11.98 7.51
CA VAL A 329 0.06 -13.41 7.75
C VAL A 329 -0.23 -14.13 6.44
N LYS A 330 0.35 -15.30 6.30
CA LYS A 330 0.06 -16.21 5.20
C LYS A 330 -0.90 -17.31 5.67
N ILE A 331 -1.89 -17.60 4.83
CA ILE A 331 -2.93 -18.56 5.12
C ILE A 331 -2.85 -19.72 4.13
N ALA A 332 -2.79 -20.94 4.68
CA ALA A 332 -2.88 -22.18 3.92
C ALA A 332 -4.23 -22.82 4.21
N ALA A 333 -4.93 -23.13 3.13
CA ALA A 333 -6.24 -23.76 3.20
C ALA A 333 -6.53 -24.33 1.84
N PRO A 334 -7.40 -25.35 1.78
CA PRO A 334 -7.84 -25.88 0.47
C PRO A 334 -8.65 -24.84 -0.30
N GLY A 335 -8.56 -24.94 -1.62
CA GLY A 335 -9.39 -24.13 -2.50
C GLY A 335 -8.94 -22.72 -2.76
N LEU A 336 -7.74 -22.32 -2.34
CA LEU A 336 -7.26 -20.96 -2.48
C LEU A 336 -6.60 -20.67 -3.82
N GLU A 337 -6.52 -21.65 -4.74
CA GLU A 337 -5.90 -21.40 -6.03
C GLU A 337 -6.61 -20.28 -6.78
N GLU A 338 -7.94 -20.17 -6.63
CA GLU A 338 -8.73 -19.18 -7.34
C GLU A 338 -9.00 -17.91 -6.52
N ALA A 339 -8.32 -17.74 -5.40
CA ALA A 339 -8.51 -16.53 -4.62
C ALA A 339 -8.10 -15.30 -5.43
N LEU A 340 -8.73 -14.18 -5.11
CA LEU A 340 -8.53 -12.92 -5.82
C LEU A 340 -7.79 -11.90 -4.94
N ALA A 341 -6.58 -11.53 -5.33
CA ALA A 341 -5.89 -10.47 -4.59
C ALA A 341 -6.64 -9.14 -4.69
N GLY A 342 -6.69 -8.45 -3.56
CA GLY A 342 -7.38 -7.19 -3.42
C GLY A 342 -8.76 -7.32 -2.83
N SER A 343 -9.23 -8.53 -2.63
CA SER A 343 -10.55 -8.84 -2.11
C SER A 343 -10.46 -9.20 -0.64
N PRO A 344 -11.58 -9.21 0.06
CA PRO A 344 -11.55 -9.46 1.51
C PRO A 344 -11.28 -10.92 1.85
N VAL A 345 -10.80 -11.10 3.08
CA VAL A 345 -10.83 -12.38 3.76
C VAL A 345 -11.57 -12.15 5.07
N ILE A 346 -12.61 -12.95 5.32
CA ILE A 346 -13.51 -12.72 6.44
C ILE A 346 -13.72 -14.04 7.15
N ALA A 347 -13.36 -14.10 8.44
CA ALA A 347 -13.65 -15.27 9.24
C ALA A 347 -15.15 -15.33 9.54
N ALA A 348 -15.73 -16.53 9.36
CA ALA A 348 -17.19 -16.72 9.33
C ALA A 348 -17.52 -18.02 10.06
N PRO A 349 -17.68 -17.93 11.39
CA PRO A 349 -17.82 -19.17 12.18
C PRO A 349 -19.19 -19.82 12.13
N THR A 350 -20.21 -19.17 11.61
CA THR A 350 -21.54 -19.76 11.46
C THR A 350 -22.01 -19.61 10.03
N PRO A 351 -23.02 -20.38 9.63
CA PRO A 351 -23.63 -20.16 8.29
C PRO A 351 -24.14 -18.74 8.08
N GLU A 352 -24.78 -18.15 9.09
CA GLU A 352 -25.20 -16.76 8.94
C GLU A 352 -24.01 -15.88 8.55
N ASP A 353 -22.87 -16.08 9.22
CA ASP A 353 -21.70 -15.25 8.93
C ASP A 353 -21.19 -15.50 7.52
N VAL A 354 -21.26 -16.77 7.07
CA VAL A 354 -20.81 -17.07 5.72
C VAL A 354 -21.63 -16.27 4.71
N GLU A 355 -22.95 -16.23 4.91
CA GLU A 355 -23.83 -15.51 3.98
C GLU A 355 -23.51 -14.04 3.96
N LYS A 356 -23.28 -13.46 5.13
CA LYS A 356 -22.94 -12.05 5.22
C LYS A 356 -21.62 -11.78 4.54
N ALA A 357 -20.64 -12.63 4.80
CA ALA A 357 -19.31 -12.43 4.23
C ALA A 357 -19.34 -12.45 2.71
N LYS A 358 -20.11 -13.38 2.13
CA LYS A 358 -20.21 -13.42 0.67
C LYS A 358 -20.70 -12.09 0.11
N GLN A 359 -21.70 -11.47 0.73
CA GLN A 359 -22.22 -10.21 0.19
CA GLN A 359 -22.22 -10.21 0.19
C GLN A 359 -21.21 -9.08 0.35
N GLU A 360 -20.45 -9.09 1.44
CA GLU A 360 -19.46 -8.04 1.65
C GLU A 360 -18.32 -8.16 0.65
N ILE A 361 -17.98 -9.40 0.30
CA ILE A 361 -16.98 -9.66 -0.73
C ILE A 361 -17.50 -9.23 -2.10
N LEU A 362 -18.74 -9.58 -2.43
CA LEU A 362 -19.32 -9.18 -3.71
C LEU A 362 -19.36 -7.67 -3.84
N GLU A 363 -19.70 -6.96 -2.76
CA GLU A 363 -19.79 -5.50 -2.83
C GLU A 363 -18.43 -4.89 -3.13
N GLN A 364 -17.37 -5.43 -2.53
CA GLN A 364 -16.03 -4.93 -2.79
C GLN A 364 -15.61 -5.19 -4.22
N ILE A 365 -15.82 -6.42 -4.70
CA ILE A 365 -15.43 -6.76 -6.08
C ILE A 365 -16.22 -5.92 -7.08
N GLU A 366 -17.55 -5.93 -6.95
CA GLU A 366 -18.39 -5.26 -7.94
C GLU A 366 -18.07 -3.77 -8.04
N ARG A 367 -17.69 -3.15 -6.93
CA ARG A 367 -17.54 -1.70 -6.91
C ARG A 367 -16.41 -1.21 -7.81
N VAL A 368 -15.43 -2.05 -8.13
CA VAL A 368 -14.46 -1.65 -9.15
C VAL A 368 -15.27 -1.40 -10.42
N VAL A 369 -15.53 -0.15 -10.73
CA VAL A 369 -16.27 0.24 -11.93
C VAL A 369 -15.31 0.97 -12.86
N ILE A 370 -15.08 0.39 -14.03
CA ILE A 370 -14.16 0.91 -15.02
C ILE A 370 -14.97 1.16 -16.29
N SER A 371 -15.26 2.43 -16.58
CA SER A 371 -16.08 2.76 -17.73
C SER A 371 -15.41 2.29 -19.01
N THR A 372 -16.20 1.69 -19.89
CA THR A 372 -15.73 1.14 -21.15
C THR A 372 -16.47 1.78 -22.32
N ASP A 373 -15.73 2.14 -23.36
CA ASP A 373 -16.30 2.75 -24.55
C ASP A 373 -16.77 1.73 -25.57
N LYS A 374 -16.29 0.48 -25.47
CA LYS A 374 -16.67 -0.68 -26.27
C LYS A 374 -16.13 -0.63 -27.70
N VAL A 375 -15.49 0.45 -28.14
CA VAL A 375 -14.48 0.39 -29.19
C VAL A 375 -13.18 0.84 -28.53
N GLY A 376 -12.52 -0.08 -27.85
CA GLY A 376 -11.35 0.26 -27.09
C GLY A 376 -10.44 -0.92 -26.83
N VAL A 377 -9.63 -0.78 -25.79
CA VAL A 377 -8.58 -1.72 -25.45
C VAL A 377 -9.11 -2.76 -24.48
N ILE A 378 -8.54 -3.98 -24.53
CA ILE A 378 -8.82 -5.01 -23.54
C ILE A 378 -7.74 -4.95 -22.47
N VAL A 379 -8.15 -4.92 -21.21
CA VAL A 379 -7.23 -4.77 -20.08
C VAL A 379 -7.38 -5.96 -19.14
N LYS A 380 -6.28 -6.67 -18.88
CA LYS A 380 -6.22 -7.74 -17.90
C LYS A 380 -5.14 -7.42 -16.86
N ALA A 381 -5.36 -7.87 -15.61
CA ALA A 381 -4.40 -7.65 -14.54
C ALA A 381 -4.49 -8.75 -13.50
N ASP A 382 -3.48 -8.81 -12.64
CA ASP A 382 -3.34 -9.89 -11.66
C ASP A 382 -4.07 -9.64 -10.35
N THR A 383 -4.34 -8.39 -10.00
CA THR A 383 -5.03 -8.06 -8.76
C THR A 383 -6.04 -6.97 -9.05
N LEU A 384 -6.96 -6.75 -8.11
CA LEU A 384 -7.93 -5.67 -8.30
C LEU A 384 -7.23 -4.31 -8.30
N GLY A 385 -6.25 -4.14 -7.42
CA GLY A 385 -5.53 -2.87 -7.37
C GLY A 385 -4.77 -2.56 -8.64
N SER A 386 -4.17 -3.59 -9.25
CA SER A 386 -3.45 -3.42 -10.52
CA SER A 386 -3.45 -3.38 -10.52
C SER A 386 -4.41 -3.13 -11.67
N LEU A 387 -5.57 -3.80 -11.68
CA LEU A 387 -6.56 -3.54 -12.72
C LEU A 387 -7.04 -2.10 -12.67
N GLU A 388 -7.33 -1.62 -11.46
CA GLU A 388 -7.78 -0.24 -11.30
C GLU A 388 -6.71 0.75 -11.74
N ALA A 389 -5.46 0.50 -11.35
CA ALA A 389 -4.39 1.43 -11.73
C ALA A 389 -4.21 1.51 -13.23
N LEU A 390 -4.10 0.36 -13.91
CA LEU A 390 -3.90 0.41 -15.35
C LEU A 390 -5.09 1.05 -16.06
N SER A 391 -6.30 0.74 -15.59
CA SER A 391 -7.50 1.37 -16.14
C SER A 391 -7.48 2.88 -15.95
N LYS A 392 -7.16 3.35 -14.74
CA LYS A 392 -7.13 4.78 -14.49
C LYS A 392 -6.12 5.46 -15.39
N GLU A 393 -4.95 4.85 -15.55
CA GLU A 393 -3.91 5.47 -16.37
C GLU A 393 -4.32 5.56 -17.83
N LEU A 394 -4.96 4.51 -18.35
CA LEU A 394 -5.47 4.57 -19.72
C LEU A 394 -6.52 5.67 -19.88
N GLN A 395 -7.45 5.77 -18.94
CA GLN A 395 -8.47 6.83 -19.02
C GLN A 395 -7.82 8.21 -19.07
N GLU A 396 -6.87 8.45 -18.18
CA GLU A 396 -6.16 9.73 -18.18
C GLU A 396 -5.50 10.01 -19.52
N LYS A 397 -5.03 8.98 -20.20
CA LYS A 397 -4.42 9.13 -21.52
C LYS A 397 -5.45 9.05 -22.64
N GLU A 398 -6.74 9.08 -22.31
CA GLU A 398 -7.81 9.08 -23.30
C GLU A 398 -7.69 7.90 -24.25
N ILE A 399 -7.24 6.76 -23.72
CA ILE A 399 -7.21 5.52 -24.47
C ILE A 399 -8.46 4.75 -24.13
N PRO A 400 -9.46 4.65 -25.02
CA PRO A 400 -10.71 3.99 -24.68
C PRO A 400 -10.48 2.54 -24.28
N ILE A 401 -11.31 2.06 -23.35
CA ILE A 401 -11.19 0.74 -22.77
C ILE A 401 -12.41 -0.07 -23.18
N ARG A 402 -12.17 -1.20 -23.85
CA ARG A 402 -13.26 -2.08 -24.24
C ARG A 402 -13.75 -2.90 -23.06
N LYS A 403 -12.82 -3.49 -22.30
CA LYS A 403 -13.15 -4.42 -21.23
C LYS A 403 -11.98 -4.48 -20.27
N ALA A 404 -12.28 -4.70 -18.98
CA ALA A 404 -11.27 -4.74 -17.92
C ALA A 404 -11.68 -5.79 -16.91
N ASP A 405 -10.79 -6.77 -16.68
CA ASP A 405 -11.10 -7.89 -15.81
C ASP A 405 -9.79 -8.47 -15.31
N VAL A 406 -9.87 -9.23 -14.24
CA VAL A 406 -8.70 -9.85 -13.63
C VAL A 406 -8.47 -11.21 -14.26
N GLY A 407 -7.21 -11.59 -14.40
CA GLY A 407 -6.84 -12.92 -14.82
C GLY A 407 -6.09 -12.94 -16.14
N ASN A 408 -5.66 -14.13 -16.51
CA ASN A 408 -4.89 -14.34 -17.73
C ASN A 408 -5.71 -14.01 -18.97
N VAL A 409 -5.00 -13.71 -20.05
CA VAL A 409 -5.65 -13.34 -21.29
C VAL A 409 -6.38 -14.57 -21.82
N SER A 410 -7.69 -14.43 -22.05
CA SER A 410 -8.55 -15.52 -22.50
C SER A 410 -8.64 -15.57 -24.02
N LYS A 411 -9.08 -16.72 -24.53
CA LYS A 411 -9.45 -16.79 -25.93
C LYS A 411 -10.54 -15.78 -26.24
N THR A 412 -11.51 -15.65 -25.33
CA THR A 412 -12.56 -14.65 -25.49
C THR A 412 -11.96 -13.25 -25.60
N ASP A 413 -11.08 -12.89 -24.65
CA ASP A 413 -10.41 -11.59 -24.73
C ASP A 413 -9.86 -11.36 -26.12
N VAL A 414 -9.24 -12.39 -26.72
CA VAL A 414 -8.69 -12.24 -28.06
C VAL A 414 -9.79 -12.02 -29.09
N MET A 415 -10.92 -12.73 -28.94
CA MET A 415 -11.99 -12.55 -29.91
C MET A 415 -12.63 -11.18 -29.79
N GLU A 416 -12.78 -10.68 -28.55
CA GLU A 416 -13.28 -9.32 -28.37
C GLU A 416 -12.33 -8.30 -28.97
N ALA A 417 -11.03 -8.49 -28.76
CA ALA A 417 -10.04 -7.60 -29.35
C ALA A 417 -10.13 -7.63 -30.87
N LEU A 418 -10.35 -8.81 -31.45
CA LEU A 418 -10.50 -8.90 -32.90
C LEU A 418 -11.68 -8.08 -33.38
N SER A 419 -12.82 -8.18 -32.70
CA SER A 419 -13.98 -7.37 -33.05
C SER A 419 -13.63 -5.88 -33.07
N VAL A 420 -13.00 -5.39 -32.01
CA VAL A 420 -12.56 -3.98 -32.00
C VAL A 420 -11.65 -3.73 -33.20
N LYS A 421 -10.71 -4.66 -33.42
CA LYS A 421 -9.79 -4.49 -34.54
C LYS A 421 -10.52 -4.32 -35.85
N GLU A 422 -11.66 -4.98 -36.01
CA GLU A 422 -12.47 -4.79 -37.22
C GLU A 422 -12.84 -3.32 -37.37
N GLU A 423 -13.32 -2.69 -36.28
CA GLU A 423 -13.75 -1.30 -36.35
C GLU A 423 -12.55 -0.36 -36.36
N GLU A 424 -11.60 -0.56 -35.45
CA GLU A 424 -10.47 0.35 -35.29
C GLU A 424 -9.25 -0.47 -34.88
N PRO A 425 -8.31 -0.70 -35.80
CA PRO A 425 -7.14 -1.53 -35.44
C PRO A 425 -6.34 -0.97 -34.26
N LYS A 426 -6.28 0.35 -34.10
CA LYS A 426 -5.50 0.94 -33.03
C LYS A 426 -5.83 0.32 -31.68
N TYR A 427 -7.12 0.10 -31.41
CA TYR A 427 -7.58 -0.35 -30.12
C TYR A 427 -7.91 -1.84 -30.08
N GLY A 428 -7.65 -2.57 -31.18
CA GLY A 428 -7.88 -4.00 -31.19
C GLY A 428 -6.72 -4.75 -30.56
N VAL A 429 -6.50 -4.50 -29.26
CA VAL A 429 -5.29 -4.90 -28.56
C VAL A 429 -5.66 -5.30 -27.14
N ILE A 430 -4.79 -6.09 -26.53
CA ILE A 430 -4.93 -6.51 -25.13
C ILE A 430 -3.71 -6.04 -24.36
N LEU A 431 -3.94 -5.40 -23.23
CA LEU A 431 -2.89 -5.00 -22.30
C LEU A 431 -2.98 -5.89 -21.08
N GLY A 432 -1.90 -6.62 -20.77
CA GLY A 432 -1.88 -7.56 -19.67
C GLY A 432 -0.85 -7.21 -18.62
N PHE A 433 -1.32 -6.78 -17.45
CA PHE A 433 -0.50 -6.24 -16.37
C PHE A 433 -0.24 -7.37 -15.38
N ASN A 434 0.99 -7.91 -15.44
CA ASN A 434 1.45 -8.99 -14.56
CA ASN A 434 1.41 -8.97 -14.52
C ASN A 434 0.59 -10.24 -14.71
N VAL A 435 0.20 -10.55 -15.95
CA VAL A 435 -0.62 -11.72 -16.25
C VAL A 435 0.03 -12.49 -17.41
N LYS A 436 -0.41 -13.73 -17.57
CA LYS A 436 0.04 -14.61 -18.64
C LYS A 436 -1.05 -14.77 -19.68
N VAL A 437 -0.67 -15.39 -20.80
CA VAL A 437 -1.56 -15.62 -21.93
C VAL A 437 -1.87 -17.11 -22.03
N ASN A 438 -3.16 -17.45 -22.04
CA ASN A 438 -3.55 -18.84 -22.22
C ASN A 438 -3.12 -19.34 -23.59
N GLU A 439 -2.89 -20.65 -23.69
CA GLU A 439 -2.35 -21.22 -24.91
C GLU A 439 -3.31 -21.07 -26.08
N ASP A 440 -4.59 -21.39 -25.86
CA ASP A 440 -5.57 -21.27 -26.93
C ASP A 440 -5.83 -19.81 -27.29
N ALA A 441 -5.68 -18.90 -26.32
CA ALA A 441 -5.75 -17.47 -26.62
C ALA A 441 -4.56 -17.03 -27.47
N GLU A 442 -3.38 -17.57 -27.17
CA GLU A 442 -2.19 -17.20 -27.92
C GLU A 442 -2.22 -17.76 -29.33
N GLU A 443 -2.77 -18.97 -29.48
CA GLU A 443 -2.94 -19.53 -30.82
C GLU A 443 -3.82 -18.62 -31.67
N VAL A 444 -4.99 -18.26 -31.15
CA VAL A 444 -5.91 -17.42 -31.92
C VAL A 444 -5.27 -16.07 -32.22
N ALA A 445 -4.57 -15.49 -31.24
CA ALA A 445 -4.00 -14.16 -31.42
C ALA A 445 -2.94 -14.16 -32.51
N LYS A 446 -2.15 -15.24 -32.60
CA LYS A 446 -1.21 -15.36 -33.71
C LYS A 446 -1.95 -15.45 -35.03
N ALA A 447 -2.97 -16.31 -35.10
CA ALA A 447 -3.66 -16.55 -36.37
C ALA A 447 -4.38 -15.29 -36.84
N LYS A 448 -4.93 -14.51 -35.93
CA LYS A 448 -5.75 -13.36 -36.27
C LYS A 448 -4.99 -12.04 -36.18
N ASP A 449 -3.72 -12.06 -35.81
CA ASP A 449 -2.87 -10.87 -35.81
C ASP A 449 -3.42 -9.79 -34.87
N VAL A 450 -3.84 -10.20 -33.68
CA VAL A 450 -4.21 -9.26 -32.62
C VAL A 450 -3.05 -9.18 -31.64
N LYS A 451 -2.59 -7.96 -31.39
CA LYS A 451 -1.42 -7.73 -30.54
C LYS A 451 -1.78 -7.86 -29.07
N ILE A 452 -0.87 -8.45 -28.29
CA ILE A 452 -1.03 -8.56 -26.85
C ILE A 452 0.24 -8.02 -26.21
N PHE A 453 0.08 -6.98 -25.38
CA PHE A 453 1.18 -6.40 -24.63
C PHE A 453 1.11 -6.91 -23.20
N VAL A 454 2.25 -7.36 -22.67
N VAL A 454 2.25 -7.38 -22.68
CA VAL A 454 2.33 -7.83 -21.30
CA VAL A 454 2.35 -7.82 -21.30
C VAL A 454 3.54 -7.16 -20.63
C VAL A 454 3.50 -7.08 -20.64
N GLY A 455 3.40 -6.91 -19.34
CA GLY A 455 4.47 -6.29 -18.59
C GLY A 455 4.11 -6.27 -17.12
N ASN A 456 5.13 -6.04 -16.30
CA ASN A 456 4.93 -5.93 -14.85
C ASN A 456 5.26 -4.54 -14.30
N VAL A 457 5.48 -3.56 -15.18
CA VAL A 457 5.72 -2.17 -14.79
C VAL A 457 4.73 -1.30 -15.55
N ILE A 458 3.87 -0.62 -14.79
CA ILE A 458 2.71 0.04 -15.39
C ILE A 458 3.14 1.01 -16.48
N TYR A 459 4.16 1.83 -16.21
CA TYR A 459 4.45 2.90 -17.17
C TYR A 459 5.08 2.35 -18.44
N LYS A 460 5.81 1.23 -18.30
CA LYS A 460 6.45 0.61 -19.46
C LYS A 460 5.43 -0.11 -20.34
N LEU A 461 4.44 -0.74 -19.72
CA LEU A 461 3.40 -1.39 -20.51
C LEU A 461 2.64 -0.39 -21.37
N ILE A 462 2.34 0.79 -20.80
CA ILE A 462 1.64 1.83 -21.55
C ILE A 462 2.53 2.37 -22.66
N GLU A 463 3.80 2.65 -22.33
CA GLU A 463 4.73 3.13 -23.35
C GLU A 463 4.88 2.13 -24.49
N ASP A 464 4.89 0.84 -24.18
CA ASP A 464 4.99 -0.16 -25.24
C ASP A 464 3.76 -0.09 -26.16
N TYR A 465 2.56 0.04 -25.59
CA TYR A 465 1.36 0.15 -26.41
C TYR A 465 1.39 1.41 -27.28
N GLU A 466 1.86 2.53 -26.73
CA GLU A 466 1.93 3.77 -27.50
C GLU A 466 3.02 3.69 -28.58
N GLU A 467 4.17 3.11 -28.25
CA GLU A 467 5.23 2.96 -29.24
C GLU A 467 4.75 2.11 -30.42
N TRP A 468 3.98 1.06 -30.15
CA TRP A 468 3.43 0.24 -31.23
C TRP A 468 2.45 1.03 -32.07
N VAL A 469 1.64 1.87 -31.43
CA VAL A 469 0.69 2.69 -32.17
C VAL A 469 1.41 3.69 -33.07
N LYS A 470 2.31 4.48 -32.48
CA LYS A 470 3.05 5.48 -33.26
C LYS A 470 3.77 4.83 -34.44
N GLU A 471 4.49 3.73 -34.19
CA GLU A 471 5.32 3.15 -35.24
C GLU A 471 4.49 2.52 -36.33
N GLU A 472 3.29 2.02 -36.01
CA GLU A 472 2.42 1.46 -37.04
C GLU A 472 1.93 2.56 -37.98
N GLU A 473 1.52 3.70 -37.44
CA GLU A 473 1.08 4.80 -38.28
C GLU A 473 2.15 5.17 -39.30
N GLU A 474 3.39 5.33 -38.86
CA GLU A 474 4.50 5.56 -39.78
C GLU A 474 4.70 4.31 -40.64
#